data_2DKG
#
_entry.id   2DKG
#
_cell.length_a   38.320
_cell.length_b   82.721
_cell.length_c   72.373
_cell.angle_alpha   90.00
_cell.angle_beta   101.81
_cell.angle_gamma   90.00
#
_symmetry.space_group_name_H-M   'P 1 21 1'
#
loop_
_entity.id
_entity.type
_entity.pdbx_description
1 polymer '235aa long hypothetical biotin-[acetyl-CoA-carboxylase] ligase'
2 non-polymer 'MAGNESIUM ION'
3 non-polymer 'PYROPHOSPHATE 2-'
4 non-polymer BIOTINYL-5-AMP
5 water water
#
_entity_poly.entity_id   1
_entity_poly.type   'polypeptide(L)'
_entity_poly.pdbx_seq_one_letter_code
;MLGLKTSIIGRRVIYFQEITSTNEFAKTSYLEEGTVIVADKQTMGHGRLNRKWESPEGGLWLSIVLSPKVPQKDLPKIVF
LGAVGVVETLKEFSIDGRIKWPNDVLVNYKKIAGVLVEGKGDKIVLGIGLNVNNKVPNGATSMKLELGSEVPLLSVFRSL
ITNLDRLYLNFLKNPMDILNLVRDNMILGVRVKILGDGSFEGIAEDIDDFGRLIIRLDSGEVKKVIYGDVSLRFL
;
_entity_poly.pdbx_strand_id   A,B
#
loop_
_chem_comp.id
_chem_comp.type
_chem_comp.name
_chem_comp.formula
BT5 RNA linking BIOTINYL-5-AMP 'C20 H28 N7 O9 P S'
MG non-polymer 'MAGNESIUM ION' 'Mg 2'
POP non-polymer 'PYROPHOSPHATE 2-' 'H2 O7 P2 -2'
#
# COMPACT_ATOMS: atom_id res chain seq x y z
N MET A 1 5.01 -2.24 5.32
CA MET A 1 5.11 -3.72 5.43
C MET A 1 5.31 -4.41 4.09
N LEU A 2 5.45 -3.62 3.02
CA LEU A 2 5.69 -4.19 1.69
C LEU A 2 7.18 -4.44 1.52
N GLY A 3 7.99 -3.72 2.29
CA GLY A 3 9.43 -3.89 2.22
C GLY A 3 10.10 -3.56 0.90
N LEU A 4 9.57 -2.58 0.18
CA LEU A 4 10.14 -2.18 -1.11
C LEU A 4 11.55 -1.64 -0.88
N LYS A 5 12.47 -1.94 -1.80
CA LYS A 5 13.85 -1.49 -1.67
C LYS A 5 14.27 -0.54 -2.78
N THR A 6 13.29 -0.03 -3.52
CA THR A 6 13.55 0.88 -4.61
C THR A 6 14.05 2.23 -4.08
N SER A 7 14.73 2.98 -4.93
CA SER A 7 15.29 4.28 -4.56
C SER A 7 14.33 5.44 -4.59
N ILE A 8 13.54 5.53 -5.67
CA ILE A 8 12.58 6.63 -5.84
C ILE A 8 11.16 6.12 -6.03
N ILE A 9 10.93 5.39 -7.12
CA ILE A 9 9.60 4.89 -7.40
C ILE A 9 9.18 3.84 -6.38
N GLY A 10 8.17 4.17 -5.58
CA GLY A 10 7.71 3.25 -4.56
C GLY A 10 8.16 3.62 -3.16
N ARG A 11 8.66 4.85 -2.99
CA ARG A 11 9.09 5.31 -1.66
C ARG A 11 7.82 5.29 -0.81
N ARG A 12 6.70 5.53 -1.48
CA ARG A 12 5.39 5.53 -0.84
C ARG A 12 4.41 4.91 -1.84
N VAL A 13 3.39 4.25 -1.32
CA VAL A 13 2.39 3.65 -2.16
C VAL A 13 1.01 3.89 -1.53
N ILE A 14 0.07 4.38 -2.32
CA ILE A 14 -1.28 4.61 -1.83
C ILE A 14 -2.19 3.63 -2.58
N TYR A 15 -2.75 2.70 -1.83
CA TYR A 15 -3.63 1.68 -2.38
C TYR A 15 -5.10 1.98 -2.11
N PHE A 16 -5.94 1.73 -3.12
CA PHE A 16 -7.38 1.95 -3.03
C PHE A 16 -8.13 0.67 -3.41
N GLN A 17 -9.13 0.30 -2.64
CA GLN A 17 -9.94 -0.86 -3.00
C GLN A 17 -10.58 -0.49 -4.33
N GLU A 18 -10.97 0.78 -4.44
CA GLU A 18 -11.61 1.29 -5.64
C GLU A 18 -11.32 2.77 -5.80
N ILE A 19 -11.31 3.25 -7.03
CA ILE A 19 -11.04 4.65 -7.29
C ILE A 19 -11.62 4.99 -8.65
N THR A 20 -11.75 6.29 -8.92
CA THR A 20 -12.26 6.73 -10.21
C THR A 20 -11.18 6.43 -11.26
N SER A 21 -9.98 6.95 -11.02
CA SER A 21 -8.85 6.77 -11.91
C SER A 21 -7.59 7.16 -11.16
N THR A 22 -6.60 6.27 -11.14
CA THR A 22 -5.34 6.56 -10.46
C THR A 22 -4.62 7.74 -11.12
N ASN A 23 -4.75 7.88 -12.44
CA ASN A 23 -4.12 8.99 -13.16
C ASN A 23 -4.75 10.33 -12.73
N GLU A 24 -6.07 10.33 -12.56
CA GLU A 24 -6.75 11.54 -12.14
C GLU A 24 -6.35 11.90 -10.71
N PHE A 25 -6.33 10.91 -9.82
CA PHE A 25 -5.97 11.14 -8.43
C PHE A 25 -4.54 11.64 -8.29
N ALA A 26 -3.63 11.06 -9.06
CA ALA A 26 -2.22 11.44 -9.04
C ALA A 26 -1.99 12.86 -9.58
N LYS A 27 -2.76 13.25 -10.60
CA LYS A 27 -2.61 14.60 -11.15
C LYS A 27 -3.17 15.65 -10.19
N THR A 28 -4.31 15.33 -9.58
CA THR A 28 -5.01 16.23 -8.67
C THR A 28 -4.42 16.42 -7.28
N SER A 29 -3.99 15.34 -6.66
CA SER A 29 -3.46 15.38 -5.31
C SER A 29 -2.02 15.86 -5.17
N TYR A 30 -1.70 16.41 -4.00
CA TYR A 30 -0.35 16.87 -3.72
C TYR A 30 0.40 15.61 -3.32
N LEU A 31 1.31 15.16 -4.17
CA LEU A 31 2.06 13.94 -3.93
C LEU A 31 3.54 14.14 -4.21
N GLU A 32 4.38 13.42 -3.47
CA GLU A 32 5.84 13.50 -3.63
C GLU A 32 6.29 12.64 -4.80
N GLU A 33 7.41 13.00 -5.42
CA GLU A 33 7.94 12.21 -6.53
C GLU A 33 8.15 10.78 -6.02
N GLY A 34 7.88 9.80 -6.89
CA GLY A 34 8.06 8.42 -6.52
C GLY A 34 6.83 7.74 -5.93
N THR A 35 5.85 8.53 -5.53
CA THR A 35 4.64 7.96 -4.95
C THR A 35 3.85 7.19 -5.99
N VAL A 36 3.46 5.97 -5.63
CA VAL A 36 2.68 5.11 -6.52
C VAL A 36 1.22 5.04 -6.07
N ILE A 37 0.31 5.25 -7.01
CA ILE A 37 -1.12 5.18 -6.75
C ILE A 37 -1.61 3.91 -7.44
N VAL A 38 -2.16 2.97 -6.67
CA VAL A 38 -2.63 1.71 -7.22
C VAL A 38 -4.02 1.36 -6.66
N ALA A 39 -4.87 0.81 -7.52
CA ALA A 39 -6.23 0.44 -7.11
C ALA A 39 -6.66 -0.94 -7.63
N ASP A 40 -7.49 -1.65 -6.87
CA ASP A 40 -7.94 -2.97 -7.31
C ASP A 40 -8.76 -2.82 -8.56
N LYS A 41 -9.54 -1.74 -8.62
CA LYS A 41 -10.36 -1.46 -9.79
C LYS A 41 -10.65 0.03 -9.92
N GLN A 42 -10.85 0.46 -11.17
CA GLN A 42 -11.16 1.85 -11.46
C GLN A 42 -12.56 1.89 -12.06
N THR A 43 -13.32 2.91 -11.71
CA THR A 43 -14.67 3.06 -12.24
C THR A 43 -14.68 3.96 -13.47
N MET A 44 -13.69 4.84 -13.56
CA MET A 44 -13.59 5.77 -14.69
C MET A 44 -12.17 5.75 -15.27
N GLY A 45 -11.65 4.55 -15.52
CA GLY A 45 -10.32 4.46 -16.08
C GLY A 45 -10.30 4.98 -17.51
N HIS A 46 -9.21 5.62 -17.91
CA HIS A 46 -9.14 6.12 -19.27
C HIS A 46 -7.82 5.89 -19.99
N GLY A 47 -7.87 5.96 -21.30
CA GLY A 47 -6.69 5.83 -22.12
C GLY A 47 -6.44 7.20 -22.71
N ARG A 48 -5.91 7.22 -23.93
CA ARG A 48 -5.64 8.47 -24.61
C ARG A 48 -6.92 9.04 -25.21
N LEU A 49 -6.78 10.22 -25.80
CA LEU A 49 -7.88 10.91 -26.46
C LEU A 49 -9.30 10.63 -25.96
N ASN A 50 -9.48 10.69 -24.65
CA ASN A 50 -10.79 10.48 -24.04
C ASN A 50 -11.35 9.08 -24.27
N ARG A 51 -10.47 8.10 -24.38
CA ARG A 51 -10.90 6.71 -24.56
C ARG A 51 -11.08 6.07 -23.19
N LYS A 52 -11.94 5.06 -23.13
CA LYS A 52 -12.16 4.36 -21.88
C LYS A 52 -11.21 3.18 -21.71
N TRP A 53 -10.83 2.91 -20.46
CA TRP A 53 -9.96 1.78 -20.16
C TRP A 53 -10.63 0.90 -19.12
N GLU A 54 -10.99 -0.33 -19.51
CA GLU A 54 -11.64 -1.29 -18.62
C GLU A 54 -10.68 -1.62 -17.48
N SER A 55 -11.13 -1.47 -16.25
CA SER A 55 -10.28 -1.73 -15.09
C SER A 55 -10.91 -2.61 -14.02
N PRO A 56 -11.30 -3.84 -14.38
CA PRO A 56 -11.91 -4.74 -13.39
C PRO A 56 -10.89 -5.35 -12.43
N GLU A 57 -11.37 -5.93 -11.34
CA GLU A 57 -10.49 -6.56 -10.36
C GLU A 57 -9.70 -7.70 -11.00
N GLY A 58 -8.41 -7.80 -10.67
CA GLY A 58 -7.56 -8.84 -11.22
C GLY A 58 -6.40 -8.25 -12.01
N GLY A 59 -6.55 -6.99 -12.39
CA GLY A 59 -5.52 -6.32 -13.15
C GLY A 59 -4.68 -5.38 -12.31
N LEU A 60 -3.64 -4.82 -12.93
CA LEU A 60 -2.75 -3.89 -12.25
C LEU A 60 -2.98 -2.49 -12.83
N TRP A 61 -3.63 -1.64 -12.05
CA TRP A 61 -3.96 -0.27 -12.46
C TRP A 61 -3.20 0.67 -11.52
N LEU A 62 -2.17 1.32 -12.03
CA LEU A 62 -1.39 2.22 -11.18
C LEU A 62 -0.87 3.47 -11.87
N SER A 63 -0.51 4.45 -11.06
CA SER A 63 0.03 5.71 -11.54
C SER A 63 1.22 6.08 -10.68
N ILE A 64 2.24 6.67 -11.31
CA ILE A 64 3.45 7.07 -10.60
C ILE A 64 3.73 8.56 -10.80
N VAL A 65 3.95 9.25 -9.69
CA VAL A 65 4.23 10.68 -9.73
C VAL A 65 5.74 10.86 -9.93
N LEU A 66 6.12 11.66 -10.91
CA LEU A 66 7.52 11.91 -11.21
C LEU A 66 7.80 13.40 -11.40
N SER A 67 9.05 13.78 -11.24
CA SER A 67 9.45 15.17 -11.42
C SER A 67 10.83 15.09 -12.07
N PRO A 68 10.89 14.49 -13.28
CA PRO A 68 12.11 14.30 -14.05
C PRO A 68 12.92 15.57 -14.25
N LYS A 69 14.15 15.52 -13.76
CA LYS A 69 15.07 16.65 -13.88
C LYS A 69 15.92 16.45 -15.12
N VAL A 70 15.26 16.56 -16.27
CA VAL A 70 15.89 16.42 -17.57
C VAL A 70 15.35 17.53 -18.47
N PRO A 71 16.05 17.81 -19.58
CA PRO A 71 15.60 18.87 -20.50
C PRO A 71 14.18 18.58 -21.01
N GLN A 72 13.40 19.62 -21.25
CA GLN A 72 12.03 19.46 -21.71
C GLN A 72 11.90 18.59 -22.96
N LYS A 73 12.97 18.51 -23.74
CA LYS A 73 12.99 17.73 -24.97
C LYS A 73 12.90 16.22 -24.73
N ASP A 74 13.36 15.77 -23.57
CA ASP A 74 13.36 14.36 -23.23
C ASP A 74 12.07 13.84 -22.60
N LEU A 75 11.23 14.75 -22.08
CA LEU A 75 9.99 14.34 -21.44
C LEU A 75 9.13 13.35 -22.23
N PRO A 76 9.06 13.51 -23.57
CA PRO A 76 8.24 12.57 -24.36
C PRO A 76 8.69 11.11 -24.23
N LYS A 77 9.93 10.88 -23.81
CA LYS A 77 10.45 9.53 -23.67
C LYS A 77 9.90 8.80 -22.44
N ILE A 78 9.28 9.55 -21.52
CA ILE A 78 8.73 8.95 -20.30
C ILE A 78 7.75 7.81 -20.58
N VAL A 79 6.97 7.93 -21.65
CA VAL A 79 6.00 6.89 -21.98
C VAL A 79 6.73 5.59 -22.28
N PHE A 80 7.93 5.69 -22.85
CA PHE A 80 8.72 4.51 -23.19
C PHE A 80 9.19 3.79 -21.93
N LEU A 81 9.49 4.55 -20.88
CA LEU A 81 9.94 3.95 -19.62
C LEU A 81 8.85 2.99 -19.15
N GLY A 82 7.61 3.47 -19.18
CA GLY A 82 6.49 2.64 -18.78
C GLY A 82 6.38 1.37 -19.60
N ALA A 83 6.39 1.52 -20.93
CA ALA A 83 6.28 0.39 -21.84
C ALA A 83 7.42 -0.62 -21.69
N VAL A 84 8.65 -0.13 -21.62
CA VAL A 84 9.81 -1.02 -21.46
C VAL A 84 9.72 -1.74 -20.13
N GLY A 85 9.29 -1.02 -19.09
CA GLY A 85 9.18 -1.62 -17.77
C GLY A 85 8.21 -2.79 -17.79
N VAL A 86 7.07 -2.59 -18.44
CA VAL A 86 6.08 -3.65 -18.52
C VAL A 86 6.66 -4.84 -19.29
N VAL A 87 7.30 -4.59 -20.43
CA VAL A 87 7.88 -5.65 -21.24
C VAL A 87 8.85 -6.50 -20.41
N GLU A 88 9.71 -5.85 -19.63
CA GLU A 88 10.68 -6.57 -18.80
C GLU A 88 9.98 -7.44 -17.77
N THR A 89 8.94 -6.91 -17.14
CA THR A 89 8.20 -7.68 -16.15
C THR A 89 7.54 -8.88 -16.84
N LEU A 90 7.02 -8.67 -18.04
CA LEU A 90 6.37 -9.76 -18.76
C LEU A 90 7.36 -10.87 -19.07
N LYS A 91 8.56 -10.48 -19.50
CA LYS A 91 9.61 -11.43 -19.83
C LYS A 91 10.05 -12.21 -18.59
N GLU A 92 10.00 -11.56 -17.42
CA GLU A 92 10.37 -12.24 -16.18
C GLU A 92 9.37 -13.34 -15.90
N PHE A 93 8.14 -13.16 -16.38
CA PHE A 93 7.08 -14.16 -16.22
C PHE A 93 6.93 -14.98 -17.51
N SER A 94 7.94 -14.86 -18.38
CA SER A 94 7.98 -15.59 -19.65
C SER A 94 6.82 -15.34 -20.62
N ILE A 95 6.41 -14.09 -20.72
CA ILE A 95 5.36 -13.71 -21.64
C ILE A 95 6.04 -12.78 -22.63
N ASP A 96 5.87 -13.07 -23.91
CA ASP A 96 6.50 -12.31 -24.99
C ASP A 96 5.84 -10.97 -25.28
N GLY A 97 6.05 -10.01 -24.40
CA GLY A 97 5.47 -8.70 -24.60
C GLY A 97 6.30 -7.89 -25.59
N ARG A 98 5.61 -7.22 -26.51
CA ARG A 98 6.28 -6.40 -27.51
C ARG A 98 5.62 -5.03 -27.56
N ILE A 99 6.43 -4.00 -27.78
CA ILE A 99 5.93 -2.65 -27.83
C ILE A 99 5.36 -2.22 -29.18
N LYS A 100 4.15 -1.67 -29.13
CA LYS A 100 3.50 -1.16 -30.32
C LYS A 100 3.55 0.36 -30.13
N TRP A 101 4.26 1.06 -31.01
CA TRP A 101 4.35 2.49 -30.89
C TRP A 101 2.90 3.01 -30.88
N PRO A 102 2.60 4.01 -30.04
CA PRO A 102 3.53 4.69 -29.13
C PRO A 102 3.47 4.27 -27.65
N ASN A 103 2.31 3.82 -27.17
CA ASN A 103 2.15 3.48 -25.75
C ASN A 103 1.60 2.11 -25.39
N ASP A 104 1.60 1.17 -26.32
CA ASP A 104 1.04 -0.15 -26.04
C ASP A 104 2.02 -1.30 -25.99
N VAL A 105 1.63 -2.34 -25.25
CA VAL A 105 2.43 -3.56 -25.16
C VAL A 105 1.48 -4.67 -25.60
N LEU A 106 1.89 -5.44 -26.60
CA LEU A 106 1.06 -6.51 -27.11
C LEU A 106 1.72 -7.87 -26.93
N VAL A 107 0.90 -8.92 -26.98
CA VAL A 107 1.37 -10.30 -26.90
C VAL A 107 0.65 -10.97 -28.06
N ASN A 108 1.40 -11.36 -29.09
CA ASN A 108 0.81 -11.96 -30.28
C ASN A 108 -0.19 -10.97 -30.89
N TYR A 109 0.17 -9.70 -30.88
CA TYR A 109 -0.65 -8.62 -31.42
C TYR A 109 -1.96 -8.33 -30.67
N LYS A 110 -2.09 -8.89 -29.47
CA LYS A 110 -3.26 -8.64 -28.64
C LYS A 110 -2.78 -7.75 -27.49
N LYS A 111 -3.50 -6.67 -27.23
CA LYS A 111 -3.09 -5.74 -26.18
C LYS A 111 -3.22 -6.28 -24.77
N ILE A 112 -2.12 -6.23 -24.04
CA ILE A 112 -2.07 -6.71 -22.67
C ILE A 112 -1.87 -5.55 -21.69
N ALA A 113 -1.40 -4.40 -22.20
CA ALA A 113 -1.16 -3.25 -21.35
C ALA A 113 -1.11 -1.94 -22.12
N GLY A 114 -1.46 -0.86 -21.43
CA GLY A 114 -1.42 0.45 -22.07
C GLY A 114 -0.75 1.41 -21.12
N VAL A 115 -0.03 2.39 -21.65
CA VAL A 115 0.68 3.39 -20.86
C VAL A 115 0.09 4.76 -21.20
N LEU A 116 -0.19 5.55 -20.17
CA LEU A 116 -0.69 6.88 -20.43
C LEU A 116 0.03 7.89 -19.55
N VAL A 117 0.75 8.79 -20.22
CA VAL A 117 1.53 9.79 -19.53
C VAL A 117 0.83 11.14 -19.60
N GLU A 118 0.57 11.75 -18.45
CA GLU A 118 -0.14 13.02 -18.54
C GLU A 118 0.71 14.17 -17.95
N GLY A 119 0.59 15.36 -18.58
CA GLY A 119 1.62 16.37 -18.37
C GLY A 119 1.15 17.62 -17.62
N LYS A 120 1.71 17.77 -16.41
CA LYS A 120 1.54 19.03 -15.69
C LYS A 120 2.75 19.94 -15.94
N GLY A 121 3.10 20.77 -14.96
CA GLY A 121 4.26 21.63 -15.09
C GLY A 121 5.60 20.94 -14.84
N ASP A 122 5.90 20.72 -13.57
CA ASP A 122 7.13 20.08 -13.15
C ASP A 122 6.79 18.66 -12.72
N LYS A 123 5.51 18.35 -12.79
CA LYS A 123 4.97 17.05 -12.37
C LYS A 123 4.44 16.23 -13.54
N ILE A 124 4.88 14.97 -13.59
CA ILE A 124 4.46 14.05 -14.64
C ILE A 124 3.85 12.82 -13.99
N VAL A 125 2.72 12.38 -14.51
CA VAL A 125 2.03 11.21 -14.01
C VAL A 125 2.19 10.09 -15.04
N LEU A 126 2.81 9.01 -14.61
CA LEU A 126 3.03 7.86 -15.50
C LEU A 126 2.00 6.80 -15.14
N GLY A 127 0.99 6.67 -15.99
CA GLY A 127 -0.06 5.70 -15.74
C GLY A 127 0.16 4.41 -16.53
N ILE A 128 -0.09 3.28 -15.88
CA ILE A 128 0.09 1.98 -16.50
C ILE A 128 -1.06 1.05 -16.14
N GLY A 129 -1.66 0.45 -17.16
CA GLY A 129 -2.72 -0.52 -16.95
C GLY A 129 -2.28 -1.83 -17.56
N LEU A 130 -2.13 -2.86 -16.73
CA LEU A 130 -1.69 -4.18 -17.19
C LEU A 130 -2.68 -5.28 -16.80
N ASN A 131 -3.21 -5.99 -17.80
CA ASN A 131 -4.16 -7.08 -17.54
C ASN A 131 -3.41 -8.28 -16.99
N VAL A 132 -3.72 -8.67 -15.76
CA VAL A 132 -3.08 -9.82 -15.14
C VAL A 132 -4.06 -10.98 -15.05
N ASN A 133 -4.97 -10.93 -14.08
CA ASN A 133 -5.96 -11.99 -13.90
C ASN A 133 -7.39 -11.58 -14.21
N ASN A 134 -7.58 -10.31 -14.55
CA ASN A 134 -8.91 -9.77 -14.85
C ASN A 134 -9.45 -10.20 -16.21
N LYS A 135 -10.77 -10.12 -16.35
CA LYS A 135 -11.40 -10.42 -17.63
C LYS A 135 -11.00 -9.20 -18.47
N VAL A 136 -10.84 -9.40 -19.77
CA VAL A 136 -10.45 -8.30 -20.65
C VAL A 136 -11.43 -8.22 -21.82
N PRO A 137 -11.50 -7.07 -22.50
CA PRO A 137 -12.42 -6.95 -23.63
C PRO A 137 -11.94 -7.81 -24.81
N ASN A 138 -12.89 -8.25 -25.65
CA ASN A 138 -12.56 -9.08 -26.79
C ASN A 138 -11.40 -8.51 -27.60
N GLY A 139 -10.45 -9.37 -27.97
CA GLY A 139 -9.32 -8.91 -28.75
C GLY A 139 -8.09 -8.60 -27.91
N ALA A 140 -8.30 -8.39 -26.61
CA ALA A 140 -7.21 -8.09 -25.69
C ALA A 140 -6.72 -9.40 -25.09
N THR A 141 -5.71 -9.31 -24.24
CA THR A 141 -5.18 -10.50 -23.59
C THR A 141 -4.67 -10.16 -22.18
N SER A 142 -4.41 -11.20 -21.39
CA SER A 142 -3.93 -11.01 -20.02
C SER A 142 -2.82 -12.00 -19.72
N MET A 143 -2.05 -11.73 -18.66
CA MET A 143 -0.97 -12.63 -18.27
C MET A 143 -1.58 -14.01 -17.97
N LYS A 144 -2.75 -13.99 -17.34
CA LYS A 144 -3.45 -15.23 -16.99
C LYS A 144 -3.84 -16.04 -18.22
N LEU A 145 -4.36 -15.36 -19.23
CA LEU A 145 -4.77 -16.03 -20.47
C LEU A 145 -3.54 -16.55 -21.20
N GLU A 146 -2.45 -15.79 -21.15
CA GLU A 146 -1.22 -16.18 -21.83
C GLU A 146 -0.55 -17.38 -21.16
N LEU A 147 -0.51 -17.36 -19.83
CA LEU A 147 0.12 -18.43 -19.07
C LEU A 147 -0.79 -19.62 -18.81
N GLY A 148 -2.09 -19.42 -18.99
CA GLY A 148 -3.04 -20.50 -18.75
C GLY A 148 -3.23 -20.72 -17.26
N SER A 149 -2.68 -19.80 -16.47
CA SER A 149 -2.78 -19.87 -15.02
C SER A 149 -2.81 -18.48 -14.41
N GLU A 150 -3.37 -18.39 -13.21
CA GLU A 150 -3.45 -17.12 -12.49
C GLU A 150 -2.07 -16.75 -11.96
N VAL A 151 -1.79 -15.44 -11.92
CA VAL A 151 -0.49 -14.94 -11.45
C VAL A 151 -0.67 -14.05 -10.22
N PRO A 152 0.15 -14.25 -9.17
CA PRO A 152 0.03 -13.43 -7.96
C PRO A 152 0.20 -11.96 -8.34
N LEU A 153 -0.86 -11.18 -8.18
CA LEU A 153 -0.86 -9.77 -8.54
C LEU A 153 0.25 -8.98 -7.85
N LEU A 154 0.48 -9.25 -6.57
CA LEU A 154 1.51 -8.55 -5.81
C LEU A 154 2.91 -8.79 -6.34
N SER A 155 3.16 -9.99 -6.87
CA SER A 155 4.46 -10.30 -7.43
C SER A 155 4.69 -9.49 -8.71
N VAL A 156 3.63 -9.31 -9.49
CA VAL A 156 3.75 -8.53 -10.71
C VAL A 156 4.05 -7.08 -10.36
N PHE A 157 3.39 -6.58 -9.31
CA PHE A 157 3.57 -5.21 -8.84
C PHE A 157 5.03 -5.00 -8.45
N ARG A 158 5.55 -5.89 -7.59
CA ARG A 158 6.92 -5.79 -7.13
C ARG A 158 7.90 -5.78 -8.31
N SER A 159 7.69 -6.69 -9.25
CA SER A 159 8.55 -6.78 -10.42
C SER A 159 8.57 -5.47 -11.22
N LEU A 160 7.37 -5.00 -11.57
CA LEU A 160 7.24 -3.78 -12.35
C LEU A 160 7.86 -2.57 -11.65
N ILE A 161 7.52 -2.36 -10.39
CA ILE A 161 8.05 -1.24 -9.63
C ILE A 161 9.57 -1.28 -9.58
N THR A 162 10.13 -2.46 -9.39
CA THR A 162 11.59 -2.61 -9.34
C THR A 162 12.20 -2.20 -10.68
N ASN A 163 11.60 -2.68 -11.78
CA ASN A 163 12.10 -2.36 -13.11
C ASN A 163 11.99 -0.87 -13.41
N LEU A 164 10.83 -0.29 -13.13
CA LEU A 164 10.62 1.13 -13.39
C LEU A 164 11.61 2.00 -12.60
N ASP A 165 11.87 1.64 -11.35
CA ASP A 165 12.80 2.42 -10.53
C ASP A 165 14.17 2.43 -11.21
N ARG A 166 14.67 1.26 -11.57
CA ARG A 166 15.97 1.16 -12.24
C ARG A 166 15.98 1.96 -13.54
N LEU A 167 14.95 1.76 -14.37
CA LEU A 167 14.83 2.48 -15.63
C LEU A 167 14.77 3.99 -15.43
N TYR A 168 14.04 4.43 -14.41
CA TYR A 168 13.91 5.86 -14.13
C TYR A 168 15.26 6.44 -13.68
N LEU A 169 15.90 5.77 -12.73
CA LEU A 169 17.19 6.23 -12.23
C LEU A 169 18.19 6.41 -13.37
N ASN A 170 18.19 5.46 -14.31
CA ASN A 170 19.11 5.54 -15.44
C ASN A 170 18.72 6.63 -16.42
N PHE A 171 17.41 6.83 -16.58
CA PHE A 171 16.89 7.86 -17.47
C PHE A 171 17.37 9.24 -17.02
N LEU A 172 17.34 9.48 -15.73
CA LEU A 172 17.78 10.78 -15.21
C LEU A 172 19.23 11.05 -15.58
N LYS A 173 20.06 10.00 -15.59
CA LYS A 173 21.48 10.14 -15.93
C LYS A 173 21.74 10.06 -17.44
N ASN A 174 21.02 9.19 -18.13
CA ASN A 174 21.20 9.03 -19.57
C ASN A 174 19.85 8.91 -20.28
N PRO A 175 19.19 10.03 -20.55
CA PRO A 175 17.89 10.09 -21.21
C PRO A 175 17.80 9.39 -22.58
N MET A 176 18.92 9.19 -23.25
CA MET A 176 18.91 8.54 -24.56
C MET A 176 18.87 7.01 -24.47
N ASP A 177 19.36 6.47 -23.33
CA ASP A 177 19.40 5.03 -23.10
C ASP A 177 18.10 4.25 -23.36
N ILE A 178 16.96 4.82 -22.96
CA ILE A 178 15.70 4.09 -23.11
C ILE A 178 15.33 3.82 -24.58
N LEU A 179 15.78 4.68 -25.50
CA LEU A 179 15.48 4.49 -26.91
C LEU A 179 16.06 3.19 -27.45
N ASN A 180 17.20 2.76 -26.91
CA ASN A 180 17.81 1.52 -27.33
C ASN A 180 16.94 0.35 -26.88
N LEU A 181 16.43 0.44 -25.65
CA LEU A 181 15.59 -0.60 -25.10
C LEU A 181 14.25 -0.66 -25.84
N VAL A 182 13.77 0.50 -26.24
CA VAL A 182 12.51 0.56 -26.97
C VAL A 182 12.71 -0.16 -28.32
N ARG A 183 13.79 0.17 -29.02
CA ARG A 183 14.07 -0.45 -30.31
C ARG A 183 14.17 -1.97 -30.27
N ASP A 184 14.87 -2.50 -29.28
CA ASP A 184 15.02 -3.94 -29.15
C ASP A 184 13.73 -4.66 -28.77
N ASN A 185 12.71 -3.92 -28.34
CA ASN A 185 11.46 -4.53 -27.88
C ASN A 185 10.22 -4.07 -28.68
N MET A 186 10.41 -3.23 -29.69
CA MET A 186 9.28 -2.70 -30.44
C MET A 186 8.95 -3.46 -31.72
N ILE A 187 7.67 -3.50 -32.07
CA ILE A 187 7.25 -4.18 -33.29
C ILE A 187 7.66 -3.29 -34.47
N LEU A 188 8.59 -3.78 -35.27
CA LEU A 188 9.09 -3.03 -36.43
C LEU A 188 9.18 -3.89 -37.69
N GLY A 189 9.46 -3.24 -38.81
CA GLY A 189 9.58 -3.95 -40.07
C GLY A 189 8.27 -4.45 -40.63
N VAL A 190 7.14 -3.93 -40.13
CA VAL A 190 5.83 -4.35 -40.63
C VAL A 190 5.04 -3.16 -41.13
N ARG A 191 3.97 -3.45 -41.89
CA ARG A 191 3.13 -2.42 -42.46
C ARG A 191 2.16 -1.82 -41.44
N VAL A 192 2.16 -0.49 -41.34
CA VAL A 192 1.27 0.19 -40.42
C VAL A 192 0.53 1.34 -41.09
N LYS A 193 -0.57 1.75 -40.47
CA LYS A 193 -1.37 2.85 -40.96
C LYS A 193 -1.41 3.89 -39.87
N ILE A 194 -1.02 5.11 -40.22
CA ILE A 194 -0.99 6.21 -39.25
C ILE A 194 -2.24 7.06 -39.42
N LEU A 195 -2.93 7.32 -38.32
CA LEU A 195 -4.15 8.11 -38.35
C LEU A 195 -4.00 9.43 -37.58
N GLY A 196 -4.19 10.53 -38.30
CA GLY A 196 -4.08 11.85 -37.72
C GLY A 196 -4.96 12.75 -38.56
N ASP A 197 -4.36 13.77 -39.18
CA ASP A 197 -5.14 14.64 -40.04
C ASP A 197 -5.14 13.90 -41.38
N GLY A 198 -6.05 12.94 -41.49
CA GLY A 198 -6.11 12.12 -42.69
C GLY A 198 -5.50 10.78 -42.31
N SER A 199 -4.47 10.38 -43.04
CA SER A 199 -3.78 9.12 -42.78
C SER A 199 -2.87 8.70 -43.93
N PHE A 200 -2.01 7.71 -43.67
CA PHE A 200 -1.11 7.19 -44.69
C PHE A 200 -0.55 5.85 -44.21
N GLU A 201 -0.11 5.02 -45.16
CA GLU A 201 0.43 3.70 -44.86
C GLU A 201 1.93 3.60 -45.17
N GLY A 202 2.59 2.65 -44.51
CA GLY A 202 4.02 2.46 -44.73
C GLY A 202 4.64 1.46 -43.78
N ILE A 203 5.93 1.19 -43.98
CA ILE A 203 6.67 0.26 -43.14
C ILE A 203 7.24 1.00 -41.94
N ALA A 204 6.98 0.50 -40.73
CA ALA A 204 7.51 1.12 -39.53
C ALA A 204 8.93 0.56 -39.41
N GLU A 205 9.92 1.35 -39.82
CA GLU A 205 11.28 0.87 -39.78
C GLU A 205 12.06 1.06 -38.49
N ASP A 206 11.77 2.11 -37.72
CA ASP A 206 12.50 2.35 -36.49
C ASP A 206 12.05 3.65 -35.83
N ILE A 207 12.55 3.93 -34.63
CA ILE A 207 12.24 5.20 -33.97
C ILE A 207 13.54 5.98 -34.06
N ASP A 208 13.46 7.30 -34.21
CA ASP A 208 14.68 8.09 -34.30
C ASP A 208 15.19 8.55 -32.93
N ASP A 209 16.21 9.40 -32.94
CA ASP A 209 16.82 9.88 -31.70
C ASP A 209 15.91 10.74 -30.82
N PHE A 210 14.68 10.94 -31.27
CA PHE A 210 13.71 11.72 -30.49
C PHE A 210 12.51 10.85 -30.14
N GLY A 211 12.57 9.58 -30.53
CA GLY A 211 11.48 8.66 -30.24
C GLY A 211 10.39 8.72 -31.30
N ARG A 212 10.63 9.49 -32.36
CA ARG A 212 9.66 9.63 -33.45
C ARG A 212 9.66 8.34 -34.26
N LEU A 213 8.48 7.91 -34.67
CA LEU A 213 8.40 6.69 -35.46
C LEU A 213 8.69 7.03 -36.92
N ILE A 214 9.65 6.31 -37.49
CA ILE A 214 10.02 6.53 -38.88
C ILE A 214 9.24 5.59 -39.79
N ILE A 215 8.45 6.18 -40.69
CA ILE A 215 7.64 5.38 -41.61
C ILE A 215 8.13 5.58 -43.04
N ARG A 216 8.26 4.48 -43.76
CA ARG A 216 8.71 4.53 -45.15
C ARG A 216 7.53 4.16 -46.03
N LEU A 217 6.99 5.15 -46.73
CA LEU A 217 5.85 4.94 -47.62
C LEU A 217 6.31 4.26 -48.91
N ASP A 218 5.37 3.63 -49.61
CA ASP A 218 5.68 2.92 -50.85
C ASP A 218 6.45 3.75 -51.87
N SER A 219 6.20 5.06 -51.87
CA SER A 219 6.87 5.96 -52.81
C SER A 219 8.33 6.15 -52.43
N GLY A 220 8.70 5.65 -51.26
CA GLY A 220 10.06 5.80 -50.79
C GLY A 220 10.14 6.97 -49.84
N GLU A 221 9.07 7.76 -49.79
CA GLU A 221 9.00 8.91 -48.91
C GLU A 221 9.14 8.50 -47.45
N VAL A 222 9.92 9.27 -46.71
CA VAL A 222 10.12 8.98 -45.29
C VAL A 222 9.40 10.03 -44.46
N LYS A 223 8.56 9.58 -43.54
CA LYS A 223 7.84 10.48 -42.65
C LYS A 223 8.25 10.19 -41.21
N LYS A 224 8.23 11.23 -40.38
CA LYS A 224 8.59 11.09 -38.99
C LYS A 224 7.36 11.42 -38.16
N VAL A 225 6.84 10.40 -37.48
CA VAL A 225 5.63 10.55 -36.67
C VAL A 225 5.91 10.91 -35.22
N ILE A 226 5.28 12.00 -34.78
CA ILE A 226 5.42 12.46 -33.41
C ILE A 226 4.14 12.00 -32.71
N TYR A 227 4.26 11.35 -31.56
CA TYR A 227 3.05 10.91 -30.90
C TYR A 227 2.35 12.07 -30.20
N GLY A 228 1.10 12.27 -30.58
CA GLY A 228 0.28 13.33 -30.03
C GLY A 228 -1.15 12.93 -30.28
N ASP A 229 -1.82 13.61 -31.20
CA ASP A 229 -3.20 13.27 -31.54
C ASP A 229 -3.17 12.34 -32.76
N VAL A 230 -2.40 11.27 -32.63
CA VAL A 230 -2.25 10.30 -33.71
C VAL A 230 -2.55 8.88 -33.19
N SER A 231 -2.81 7.96 -34.12
CA SER A 231 -3.09 6.58 -33.76
C SER A 231 -2.42 5.65 -34.78
N LEU A 232 -1.90 4.53 -34.31
CA LEU A 232 -1.24 3.58 -35.20
C LEU A 232 -2.00 2.26 -35.25
N ARG A 233 -2.11 1.70 -36.47
CA ARG A 233 -2.80 0.45 -36.67
C ARG A 233 -2.04 -0.45 -37.62
N PHE A 234 -1.97 -1.73 -37.29
CA PHE A 234 -1.27 -2.68 -38.13
C PHE A 234 -2.22 -3.16 -39.23
N LEU A 235 -1.67 -3.44 -40.42
CA LEU A 235 -2.47 -3.91 -41.52
C LEU A 235 -2.50 -5.44 -41.52
N MET B 1 -4.12 -3.37 -5.77
CA MET B 1 -3.53 -4.72 -6.03
C MET B 1 -3.44 -5.61 -4.78
N LEU B 2 -3.85 -5.09 -3.64
CA LEU B 2 -3.83 -5.88 -2.41
C LEU B 2 -5.13 -6.70 -2.31
N GLY B 3 -6.17 -6.24 -3.00
CA GLY B 3 -7.43 -6.94 -3.00
C GLY B 3 -8.04 -7.13 -1.63
N LEU B 4 -7.98 -6.09 -0.80
CA LEU B 4 -8.55 -6.17 0.54
C LEU B 4 -10.07 -6.15 0.37
N LYS B 5 -10.76 -7.00 1.13
CA LYS B 5 -12.21 -7.09 1.05
C LYS B 5 -12.94 -6.52 2.26
N THR B 6 -12.21 -5.85 3.14
CA THR B 6 -12.80 -5.26 4.33
C THR B 6 -13.84 -4.20 3.97
N SER B 7 -14.74 -3.92 4.89
CA SER B 7 -15.79 -2.94 4.67
C SER B 7 -15.36 -1.51 4.93
N ILE B 8 -14.65 -1.28 6.03
CA ILE B 8 -14.20 0.07 6.37
C ILE B 8 -12.69 0.21 6.52
N ILE B 9 -12.14 -0.53 7.47
CA ILE B 9 -10.71 -0.46 7.73
C ILE B 9 -9.95 -1.15 6.59
N GLY B 10 -9.20 -0.36 5.84
CA GLY B 10 -8.45 -0.91 4.74
C GLY B 10 -9.00 -0.52 3.38
N ARG B 11 -9.99 0.36 3.35
CA ARG B 11 -10.55 0.82 2.08
C ARG B 11 -9.41 1.52 1.35
N ARG B 12 -8.50 2.10 2.12
CA ARG B 12 -7.32 2.79 1.60
C ARG B 12 -6.13 2.48 2.50
N VAL B 13 -4.96 2.35 1.90
CA VAL B 13 -3.75 2.08 2.68
C VAL B 13 -2.60 2.88 2.11
N ILE B 14 -1.94 3.64 2.97
CA ILE B 14 -0.79 4.43 2.55
C ILE B 14 0.44 3.79 3.16
N TYR B 15 1.33 3.30 2.30
CA TYR B 15 2.55 2.65 2.74
C TYR B 15 3.78 3.52 2.53
N PHE B 16 4.68 3.52 3.51
CA PHE B 16 5.93 4.29 3.45
C PHE B 16 7.10 3.34 3.67
N GLN B 17 8.19 3.51 2.94
CA GLN B 17 9.35 2.71 3.18
C GLN B 17 9.88 3.11 4.54
N GLU B 18 9.86 4.41 4.76
CA GLU B 18 10.33 5.00 6.01
C GLU B 18 9.47 6.19 6.41
N ILE B 19 9.33 6.43 7.71
CA ILE B 19 8.52 7.53 8.19
C ILE B 19 8.90 7.85 9.64
N THR B 20 8.51 9.04 10.10
CA THR B 20 8.79 9.43 11.48
C THR B 20 7.87 8.65 12.41
N SER B 21 6.56 8.76 12.15
CA SER B 21 5.56 8.06 12.95
C SER B 21 4.24 8.01 12.19
N THR B 22 3.67 6.82 12.07
CA THR B 22 2.41 6.67 11.36
C THR B 22 1.30 7.39 12.14
N ASN B 23 1.39 7.38 13.47
CA ASN B 23 0.37 8.06 14.28
C ASN B 23 0.42 9.57 14.03
N GLU B 24 1.62 10.13 14.00
CA GLU B 24 1.76 11.56 13.76
C GLU B 24 1.24 11.93 12.37
N PHE B 25 1.65 11.16 11.36
CA PHE B 25 1.19 11.43 10.01
C PHE B 25 -0.33 11.38 9.94
N ALA B 26 -0.90 10.37 10.60
CA ALA B 26 -2.35 10.17 10.60
C ALA B 26 -3.17 11.31 11.22
N LYS B 27 -2.64 11.96 12.25
CA LYS B 27 -3.42 13.03 12.86
C LYS B 27 -3.19 14.41 12.25
N THR B 28 -2.09 14.59 11.54
CA THR B 28 -1.79 15.87 10.92
C THR B 28 -2.28 15.94 9.46
N SER B 29 -2.71 14.81 8.92
CA SER B 29 -3.17 14.77 7.54
C SER B 29 -4.65 14.44 7.46
N TYR B 30 -5.34 14.98 6.46
CA TYR B 30 -6.75 14.68 6.32
C TYR B 30 -6.86 13.33 5.62
N LEU B 31 -7.57 12.40 6.25
CA LEU B 31 -7.72 11.07 5.69
C LEU B 31 -9.14 10.57 5.95
N GLU B 32 -9.70 9.82 5.01
CA GLU B 32 -11.04 9.30 5.19
C GLU B 32 -11.00 8.16 6.20
N GLU B 33 -12.12 7.95 6.90
CA GLU B 33 -12.17 6.88 7.88
C GLU B 33 -11.83 5.54 7.27
N GLY B 34 -11.06 4.74 8.00
CA GLY B 34 -10.68 3.43 7.51
C GLY B 34 -9.32 3.42 6.83
N THR B 35 -8.76 4.59 6.60
CA THR B 35 -7.46 4.68 5.96
C THR B 35 -6.42 4.13 6.90
N VAL B 36 -5.56 3.27 6.37
CA VAL B 36 -4.50 2.65 7.16
C VAL B 36 -3.16 3.24 6.73
N ILE B 37 -2.36 3.62 7.71
CA ILE B 37 -1.03 4.18 7.45
C ILE B 37 -0.05 3.13 7.95
N VAL B 38 0.83 2.65 7.08
CA VAL B 38 1.79 1.62 7.45
C VAL B 38 3.18 1.88 6.86
N ALA B 39 4.22 1.54 7.62
CA ALA B 39 5.59 1.76 7.15
C ALA B 39 6.54 0.64 7.57
N ASP B 40 7.57 0.40 6.76
CA ASP B 40 8.56 -0.62 7.04
C ASP B 40 9.32 -0.31 8.32
N LYS B 41 9.49 0.98 8.59
CA LYS B 41 10.18 1.42 9.79
C LYS B 41 9.81 2.85 10.16
N GLN B 42 9.90 3.14 11.46
CA GLN B 42 9.62 4.48 11.96
C GLN B 42 10.88 5.02 12.61
N THR B 43 11.21 6.27 12.32
CA THR B 43 12.40 6.88 12.90
C THR B 43 12.03 7.51 14.25
N MET B 44 10.76 7.84 14.42
CA MET B 44 10.30 8.44 15.66
C MET B 44 9.07 7.72 16.22
N GLY B 45 9.15 6.40 16.33
CA GLY B 45 8.04 5.63 16.85
C GLY B 45 7.67 6.13 18.24
N HIS B 46 6.38 6.29 18.50
CA HIS B 46 5.92 6.79 19.79
C HIS B 46 5.16 5.77 20.63
N GLY B 47 5.44 5.79 21.92
CA GLY B 47 4.75 4.92 22.85
C GLY B 47 3.89 5.87 23.66
N ARG B 48 3.53 5.47 24.87
CA ARG B 48 2.75 6.33 25.74
C ARG B 48 3.66 7.44 26.22
N LEU B 49 3.06 8.54 26.65
CA LEU B 49 3.83 9.67 27.17
C LEU B 49 4.94 10.07 26.20
N ASN B 50 6.17 10.10 26.69
CA ASN B 50 7.30 10.49 25.85
C ASN B 50 8.23 9.31 25.58
N ARG B 51 7.66 8.11 25.67
CA ARG B 51 8.42 6.89 25.46
C ARG B 51 8.60 6.62 23.98
N LYS B 52 9.69 5.98 23.63
CA LYS B 52 9.99 5.65 22.26
C LYS B 52 9.61 4.21 21.94
N TRP B 53 9.11 3.98 20.74
CA TRP B 53 8.75 2.63 20.32
C TRP B 53 9.71 2.23 19.22
N GLU B 54 10.55 1.24 19.50
CA GLU B 54 11.52 0.76 18.53
C GLU B 54 10.77 0.21 17.34
N SER B 55 11.03 0.76 16.16
CA SER B 55 10.33 0.33 14.96
C SER B 55 11.25 -0.01 13.78
N PRO B 56 12.13 -1.01 13.96
CA PRO B 56 13.03 -1.42 12.89
C PRO B 56 12.29 -2.21 11.82
N GLU B 57 12.95 -2.43 10.68
CA GLU B 57 12.33 -3.16 9.60
C GLU B 57 12.09 -4.60 10.01
N GLY B 58 10.97 -5.16 9.55
CA GLY B 58 10.62 -6.53 9.89
C GLY B 58 9.39 -6.57 10.77
N GLY B 59 8.98 -5.40 11.27
CA GLY B 59 7.81 -5.36 12.13
C GLY B 59 6.59 -4.76 11.45
N LEU B 60 5.46 -4.81 12.14
CA LEU B 60 4.22 -4.26 11.60
C LEU B 60 3.90 -3.01 12.40
N TRP B 61 4.14 -1.86 11.77
CA TRP B 61 3.91 -0.56 12.40
C TRP B 61 2.83 0.17 11.61
N LEU B 62 1.64 0.29 12.19
CA LEU B 62 0.56 0.97 11.48
C LEU B 62 -0.39 1.77 12.33
N SER B 63 -1.13 2.67 11.67
CA SER B 63 -2.10 3.53 12.32
C SER B 63 -3.38 3.47 11.48
N ILE B 64 -4.52 3.52 12.15
CA ILE B 64 -5.80 3.47 11.45
C ILE B 64 -6.61 4.70 11.82
N VAL B 65 -7.24 5.31 10.81
CA VAL B 65 -8.05 6.49 11.03
C VAL B 65 -9.50 6.09 11.25
N LEU B 66 -10.07 6.52 12.38
CA LEU B 66 -11.47 6.20 12.71
C LEU B 66 -12.25 7.46 13.04
N SER B 67 -13.57 7.38 12.93
CA SER B 67 -14.47 8.50 13.23
C SER B 67 -15.78 7.87 13.71
N PRO B 68 -15.72 7.09 14.81
CA PRO B 68 -16.87 6.41 15.39
C PRO B 68 -17.99 7.32 15.89
N LYS B 69 -19.20 7.07 15.38
CA LYS B 69 -20.38 7.83 15.78
C LYS B 69 -20.96 7.19 17.04
N VAL B 70 -20.20 7.23 18.13
CA VAL B 70 -20.64 6.66 19.40
C VAL B 70 -20.40 7.66 20.53
N PRO B 71 -21.18 7.55 21.61
CA PRO B 71 -21.03 8.45 22.76
C PRO B 71 -19.58 8.58 23.21
N GLN B 72 -19.23 9.73 23.80
CA GLN B 72 -17.88 9.99 24.29
C GLN B 72 -17.41 8.97 25.31
N LYS B 73 -18.37 8.43 26.08
CA LYS B 73 -18.09 7.45 27.12
C LYS B 73 -17.36 6.20 26.60
N ASP B 74 -17.72 5.80 25.38
CA ASP B 74 -17.17 4.60 24.75
C ASP B 74 -15.81 4.71 24.07
N LEU B 75 -15.41 5.91 23.69
CA LEU B 75 -14.14 6.09 23.01
C LEU B 75 -12.93 5.43 23.67
N PRO B 76 -12.86 5.45 25.01
CA PRO B 76 -11.72 4.81 25.68
C PRO B 76 -11.56 3.32 25.38
N LYS B 77 -12.58 2.72 24.75
CA LYS B 77 -12.53 1.29 24.43
C LYS B 77 -11.83 1.01 23.10
N ILE B 78 -11.52 2.06 22.35
CA ILE B 78 -10.86 1.90 21.05
C ILE B 78 -9.53 1.17 21.17
N VAL B 79 -8.78 1.45 22.23
CA VAL B 79 -7.49 0.79 22.45
C VAL B 79 -7.68 -0.72 22.58
N PHE B 80 -8.83 -1.12 23.13
CA PHE B 80 -9.10 -2.54 23.30
C PHE B 80 -9.38 -3.21 21.97
N LEU B 81 -9.90 -2.45 21.01
CA LEU B 81 -10.16 -3.03 19.70
C LEU B 81 -8.83 -3.44 19.10
N GLY B 82 -7.84 -2.55 19.20
CA GLY B 82 -6.54 -2.85 18.66
C GLY B 82 -5.92 -4.06 19.35
N ALA B 83 -5.94 -4.05 20.68
CA ALA B 83 -5.35 -5.13 21.46
C ALA B 83 -6.01 -6.49 21.19
N VAL B 84 -7.34 -6.52 21.17
CA VAL B 84 -8.05 -7.77 20.91
C VAL B 84 -7.76 -8.23 19.48
N GLY B 85 -7.70 -7.28 18.55
CA GLY B 85 -7.41 -7.63 17.17
C GLY B 85 -6.06 -8.32 17.05
N VAL B 86 -5.07 -7.83 17.79
CA VAL B 86 -3.73 -8.42 17.76
C VAL B 86 -3.81 -9.84 18.33
N VAL B 87 -4.48 -9.98 19.47
CA VAL B 87 -4.65 -11.29 20.10
C VAL B 87 -5.25 -12.30 19.12
N GLU B 88 -6.26 -11.85 18.36
CA GLU B 88 -6.93 -12.71 17.40
C GLU B 88 -6.00 -13.14 16.28
N THR B 89 -5.20 -12.22 15.75
CA THR B 89 -4.28 -12.56 14.67
C THR B 89 -3.17 -13.47 15.18
N LEU B 90 -2.73 -13.25 16.43
CA LEU B 90 -1.69 -14.11 16.99
C LEU B 90 -2.22 -15.54 17.08
N LYS B 91 -3.47 -15.69 17.49
CA LYS B 91 -4.06 -17.03 17.61
C LYS B 91 -4.04 -17.75 16.25
N GLU B 92 -4.36 -17.01 15.17
CA GLU B 92 -4.36 -17.59 13.83
C GLU B 92 -2.99 -18.15 13.50
N PHE B 93 -1.96 -17.54 14.07
CA PHE B 93 -0.59 -18.00 13.83
C PHE B 93 -0.11 -18.92 14.93
N SER B 94 -1.07 -19.44 15.70
CA SER B 94 -0.79 -20.37 16.80
C SER B 94 0.01 -19.77 17.95
N ILE B 95 -0.23 -18.51 18.24
CA ILE B 95 0.45 -17.84 19.35
C ILE B 95 -0.61 -17.33 20.31
N ASP B 96 -0.44 -17.63 21.59
CA ASP B 96 -1.39 -17.20 22.61
C ASP B 96 -0.95 -15.89 23.26
N GLY B 97 -1.57 -14.79 22.82
CA GLY B 97 -1.24 -13.50 23.38
C GLY B 97 -2.20 -13.15 24.49
N ARG B 98 -1.70 -12.48 25.53
CA ARG B 98 -2.54 -12.08 26.65
C ARG B 98 -2.42 -10.57 26.81
N ILE B 99 -3.55 -9.91 27.04
CA ILE B 99 -3.55 -8.48 27.20
C ILE B 99 -3.18 -8.02 28.60
N LYS B 100 -2.26 -7.07 28.65
CA LYS B 100 -1.84 -6.50 29.92
C LYS B 100 -2.38 -5.08 29.88
N TRP B 101 -3.37 -4.83 30.73
CA TRP B 101 -4.00 -3.51 30.79
C TRP B 101 -2.95 -2.39 30.79
N PRO B 102 -3.21 -1.32 30.02
CA PRO B 102 -4.40 -1.18 29.20
C PRO B 102 -4.15 -1.30 27.70
N ASN B 103 -2.88 -1.30 27.30
CA ASN B 103 -2.55 -1.31 25.88
C ASN B 103 -1.48 -2.28 25.39
N ASP B 104 -1.10 -3.25 26.22
CA ASP B 104 -0.06 -4.19 25.82
C ASP B 104 -0.51 -5.62 25.60
N VAL B 105 0.18 -6.31 24.71
CA VAL B 105 -0.13 -7.70 24.42
C VAL B 105 1.16 -8.46 24.76
N LEU B 106 1.06 -9.41 25.67
CA LEU B 106 2.21 -10.19 26.09
C LEU B 106 2.08 -11.66 25.72
N VAL B 107 3.22 -12.31 25.56
CA VAL B 107 3.26 -13.74 25.24
C VAL B 107 4.25 -14.31 26.24
N ASN B 108 3.76 -15.12 27.18
CA ASN B 108 4.61 -15.70 28.21
C ASN B 108 5.25 -14.54 28.96
N TYR B 109 4.46 -13.49 29.14
CA TYR B 109 4.88 -12.27 29.85
C TYR B 109 5.88 -11.36 29.13
N LYS B 110 6.21 -11.67 27.87
CA LYS B 110 7.10 -10.82 27.10
C LYS B 110 6.25 -10.01 26.13
N LYS B 111 6.50 -8.70 26.06
CA LYS B 111 5.73 -7.80 25.18
C LYS B 111 6.00 -8.03 23.70
N ILE B 112 4.93 -8.32 22.96
CA ILE B 112 5.02 -8.57 21.53
C ILE B 112 4.35 -7.44 20.76
N ALA B 113 3.48 -6.70 21.42
CA ALA B 113 2.78 -5.61 20.76
C ALA B 113 2.30 -4.53 21.73
N GLY B 114 2.11 -3.33 21.19
CA GLY B 114 1.63 -2.21 21.98
C GLY B 114 0.61 -1.43 21.17
N VAL B 115 -0.35 -0.81 21.84
CA VAL B 115 -1.38 -0.04 21.16
C VAL B 115 -1.40 1.41 21.64
N LEU B 116 -1.49 2.35 20.70
CA LEU B 116 -1.52 3.77 21.06
C LEU B 116 -2.67 4.50 20.36
N VAL B 117 -3.63 4.97 21.15
CA VAL B 117 -4.77 5.70 20.60
C VAL B 117 -4.67 7.19 20.90
N GLU B 118 -4.86 8.00 19.87
CA GLU B 118 -4.82 9.46 19.99
C GLU B 118 -6.03 10.04 19.26
N GLY B 119 -6.75 10.93 19.93
CA GLY B 119 -7.93 11.52 19.31
C GLY B 119 -7.84 13.00 19.03
N LYS B 120 -7.78 13.36 17.75
CA LYS B 120 -7.71 14.74 17.31
C LYS B 120 -9.01 15.12 16.62
N GLY B 121 -9.77 16.04 17.22
CA GLY B 121 -11.04 16.45 16.64
C GLY B 121 -11.95 15.24 16.61
N ASP B 122 -12.89 15.20 15.67
CA ASP B 122 -13.80 14.06 15.57
C ASP B 122 -13.07 12.81 15.07
N LYS B 123 -11.80 12.96 14.72
CA LYS B 123 -11.00 11.85 14.22
C LYS B 123 -10.20 11.15 15.31
N ILE B 124 -10.16 9.82 15.24
CA ILE B 124 -9.42 9.02 16.21
C ILE B 124 -8.37 8.21 15.48
N VAL B 125 -7.17 8.19 16.04
CA VAL B 125 -6.07 7.45 15.46
C VAL B 125 -5.75 6.26 16.32
N LEU B 126 -5.88 5.07 15.74
CA LEU B 126 -5.60 3.83 16.45
C LEU B 126 -4.24 3.33 15.95
N GLY B 127 -3.21 3.47 16.78
CA GLY B 127 -1.88 3.03 16.40
C GLY B 127 -1.52 1.66 16.97
N ILE B 128 -0.92 0.82 16.13
CA ILE B 128 -0.55 -0.52 16.57
C ILE B 128 0.86 -0.91 16.11
N GLY B 129 1.65 -1.39 17.04
CA GLY B 129 3.01 -1.82 16.75
C GLY B 129 3.12 -3.27 17.17
N LEU B 130 3.43 -4.14 16.20
CA LEU B 130 3.55 -5.56 16.45
C LEU B 130 4.87 -6.11 15.95
N ASN B 131 5.63 -6.75 16.84
CA ASN B 131 6.92 -7.33 16.46
C ASN B 131 6.68 -8.63 15.72
N VAL B 132 7.15 -8.68 14.47
CA VAL B 132 6.98 -9.88 13.66
C VAL B 132 8.33 -10.56 13.39
N ASN B 133 9.13 -9.99 12.49
CA ASN B 133 10.43 -10.58 12.18
C ASN B 133 11.57 -9.67 12.62
N ASN B 134 11.22 -8.48 13.11
CA ASN B 134 12.22 -7.52 13.55
C ASN B 134 12.85 -7.91 14.87
N LYS B 135 14.05 -7.39 15.11
CA LYS B 135 14.72 -7.67 16.37
C LYS B 135 14.00 -6.77 17.37
N VAL B 136 13.96 -7.18 18.63
CA VAL B 136 13.26 -6.42 19.65
C VAL B 136 14.12 -6.12 20.87
N PRO B 137 13.71 -5.11 21.67
CA PRO B 137 14.48 -4.76 22.88
C PRO B 137 14.45 -5.91 23.88
N ASN B 138 15.47 -5.99 24.73
CA ASN B 138 15.54 -7.05 25.74
C ASN B 138 14.25 -7.10 26.52
N GLY B 139 13.77 -8.32 26.77
CA GLY B 139 12.54 -8.49 27.53
C GLY B 139 11.29 -8.61 26.67
N ALA B 140 11.41 -8.23 25.40
CA ALA B 140 10.28 -8.32 24.48
C ALA B 140 10.38 -9.57 23.63
N THR B 141 9.35 -9.84 22.84
CA THR B 141 9.37 -11.00 21.96
C THR B 141 8.76 -10.63 20.60
N SER B 142 8.81 -11.56 19.66
CA SER B 142 8.26 -11.34 18.32
C SER B 142 7.64 -12.63 17.82
N MET B 143 6.83 -12.53 16.76
CA MET B 143 6.20 -13.71 16.21
C MET B 143 7.25 -14.69 15.71
N LYS B 144 8.33 -14.15 15.15
CA LYS B 144 9.44 -14.96 14.65
C LYS B 144 10.12 -15.74 15.77
N LEU B 145 10.29 -15.10 16.92
CA LEU B 145 10.92 -15.74 18.07
C LEU B 145 10.03 -16.84 18.65
N GLU B 146 8.72 -16.62 18.61
CA GLU B 146 7.77 -17.58 19.14
C GLU B 146 7.56 -18.80 18.24
N LEU B 147 7.64 -18.59 16.92
CA LEU B 147 7.42 -19.69 15.97
C LEU B 147 8.69 -20.36 15.47
N GLY B 148 9.82 -19.69 15.61
CA GLY B 148 11.08 -20.26 15.14
C GLY B 148 11.43 -20.01 13.69
N SER B 149 10.62 -19.22 12.99
CA SER B 149 10.89 -18.90 11.59
C SER B 149 10.18 -17.60 11.19
N GLU B 150 10.69 -16.93 10.16
CA GLU B 150 10.09 -15.69 9.72
C GLU B 150 8.67 -15.88 9.22
N VAL B 151 7.82 -14.90 9.53
CA VAL B 151 6.42 -14.91 9.14
C VAL B 151 6.24 -13.84 8.07
N PRO B 152 5.52 -14.16 6.98
CA PRO B 152 5.30 -13.17 5.92
C PRO B 152 4.53 -11.97 6.46
N LEU B 153 5.20 -10.82 6.55
CA LEU B 153 4.57 -9.61 7.05
C LEU B 153 3.20 -9.31 6.44
N LEU B 154 3.09 -9.48 5.13
CA LEU B 154 1.82 -9.17 4.48
C LEU B 154 0.71 -10.10 4.98
N SER B 155 1.02 -11.36 5.26
CA SER B 155 0.03 -12.29 5.80
C SER B 155 -0.49 -11.79 7.16
N VAL B 156 0.42 -11.29 7.99
CA VAL B 156 0.02 -10.77 9.28
C VAL B 156 -0.85 -9.54 9.08
N PHE B 157 -0.44 -8.67 8.16
CA PHE B 157 -1.18 -7.45 7.87
C PHE B 157 -2.63 -7.73 7.50
N ARG B 158 -2.83 -8.62 6.53
CA ARG B 158 -4.16 -8.98 6.07
C ARG B 158 -5.03 -9.52 7.21
N SER B 159 -4.45 -10.41 8.01
CA SER B 159 -5.15 -11.00 9.14
C SER B 159 -5.60 -9.95 10.14
N LEU B 160 -4.69 -9.07 10.51
CA LEU B 160 -4.98 -8.02 11.47
C LEU B 160 -6.02 -7.03 10.98
N ILE B 161 -5.89 -6.61 9.72
CA ILE B 161 -6.84 -5.67 9.15
C ILE B 161 -8.22 -6.29 9.07
N THR B 162 -8.30 -7.56 8.69
CA THR B 162 -9.57 -8.26 8.62
C THR B 162 -10.20 -8.32 10.01
N ASN B 163 -9.40 -8.73 11.00
CA ASN B 163 -9.90 -8.81 12.37
C ASN B 163 -10.36 -7.47 12.93
N LEU B 164 -9.59 -6.41 12.68
CA LEU B 164 -9.95 -5.08 13.16
C LEU B 164 -11.20 -4.55 12.48
N ASP B 165 -11.36 -4.81 11.18
CA ASP B 165 -12.54 -4.34 10.47
C ASP B 165 -13.80 -4.92 11.10
N ARG B 166 -13.77 -6.21 11.43
CA ARG B 166 -14.91 -6.89 12.07
C ARG B 166 -15.19 -6.36 13.47
N LEU B 167 -14.14 -6.21 14.28
CA LEU B 167 -14.30 -5.71 15.63
C LEU B 167 -14.90 -4.30 15.61
N TYR B 168 -14.38 -3.47 14.70
CA TYR B 168 -14.84 -2.10 14.57
C TYR B 168 -16.31 -2.02 14.14
N LEU B 169 -16.68 -2.76 13.11
CA LEU B 169 -18.06 -2.75 12.67
C LEU B 169 -19.00 -3.17 13.81
N ASN B 170 -18.62 -4.18 14.57
CA ASN B 170 -19.47 -4.60 15.68
C ASN B 170 -19.49 -3.52 16.76
N PHE B 171 -18.32 -2.93 17.01
CA PHE B 171 -18.19 -1.88 18.01
C PHE B 171 -19.15 -0.73 17.76
N LEU B 172 -19.34 -0.37 16.49
CA LEU B 172 -20.25 0.72 16.14
C LEU B 172 -21.70 0.39 16.48
N LYS B 173 -22.03 -0.89 16.48
CA LYS B 173 -23.40 -1.33 16.79
C LYS B 173 -23.56 -1.72 18.26
N ASN B 174 -22.60 -2.52 18.76
CA ASN B 174 -22.61 -3.02 20.12
C ASN B 174 -21.31 -2.66 20.85
N PRO B 175 -21.13 -1.38 21.22
CA PRO B 175 -19.93 -0.91 21.91
C PRO B 175 -19.49 -1.58 23.21
N MET B 176 -20.39 -2.29 23.89
CA MET B 176 -20.02 -2.94 25.15
C MET B 176 -19.43 -4.35 24.95
N ASP B 177 -19.59 -4.90 23.76
CA ASP B 177 -19.10 -6.23 23.44
C ASP B 177 -17.58 -6.40 23.59
N ILE B 178 -16.82 -5.40 23.18
CA ILE B 178 -15.37 -5.50 23.26
C ILE B 178 -14.85 -5.79 24.66
N LEU B 179 -15.45 -5.19 25.69
CA LEU B 179 -15.02 -5.41 27.07
C LEU B 179 -15.03 -6.89 27.44
N ASN B 180 -16.06 -7.61 27.00
CA ASN B 180 -16.19 -9.03 27.28
C ASN B 180 -14.98 -9.76 26.68
N LEU B 181 -14.68 -9.45 25.42
CA LEU B 181 -13.56 -10.10 24.75
C LEU B 181 -12.25 -9.77 25.47
N VAL B 182 -12.17 -8.55 26.02
CA VAL B 182 -10.98 -8.13 26.75
C VAL B 182 -10.82 -8.92 28.05
N ARG B 183 -11.89 -9.01 28.83
CA ARG B 183 -11.84 -9.75 30.09
C ARG B 183 -11.37 -11.18 29.86
N ASP B 184 -11.91 -11.81 28.83
CA ASP B 184 -11.56 -13.19 28.53
C ASP B 184 -10.13 -13.34 28.03
N ASN B 185 -9.51 -12.23 27.63
CA ASN B 185 -8.14 -12.28 27.12
C ASN B 185 -7.09 -11.47 27.87
N MET B 186 -7.39 -10.98 29.07
CA MET B 186 -6.37 -10.23 29.77
C MET B 186 -5.90 -10.85 31.09
N ILE B 187 -4.68 -10.50 31.45
CA ILE B 187 -4.05 -10.99 32.65
C ILE B 187 -4.71 -10.39 33.88
N LEU B 188 -5.36 -11.24 34.67
CA LEU B 188 -6.04 -10.79 35.88
C LEU B 188 -5.81 -11.73 37.04
N GLY B 189 -6.31 -11.36 38.21
CA GLY B 189 -6.16 -12.19 39.39
C GLY B 189 -4.71 -12.24 39.85
N VAL B 190 -3.94 -11.23 39.45
CA VAL B 190 -2.53 -11.15 39.82
C VAL B 190 -2.22 -9.81 40.46
N ARG B 191 -1.12 -9.75 41.21
CA ARG B 191 -0.72 -8.53 41.89
C ARG B 191 0.03 -7.60 40.97
N VAL B 192 -0.32 -6.32 41.01
CA VAL B 192 0.31 -5.32 40.16
C VAL B 192 0.61 -4.04 40.93
N LYS B 193 1.46 -3.20 40.35
CA LYS B 193 1.82 -1.94 40.96
C LYS B 193 1.42 -0.80 40.02
N ILE B 194 0.72 0.19 40.56
CA ILE B 194 0.29 1.34 39.77
C ILE B 194 1.22 2.50 40.05
N LEU B 195 2.19 2.70 39.17
CA LEU B 195 3.16 3.76 39.33
C LEU B 195 2.57 5.15 39.30
N GLY B 196 3.44 6.15 39.44
CA GLY B 196 3.00 7.54 39.45
C GLY B 196 2.78 7.96 40.89
N ASP B 197 2.40 9.21 41.10
CA ASP B 197 2.16 9.68 42.45
C ASP B 197 0.84 9.10 42.94
N GLY B 198 0.77 8.83 44.23
CA GLY B 198 -0.43 8.23 44.77
C GLY B 198 -0.27 6.75 44.51
N SER B 199 0.92 6.40 44.02
CA SER B 199 1.29 5.03 43.69
C SER B 199 0.82 4.04 44.74
N PHE B 200 0.22 2.95 44.28
CA PHE B 200 -0.27 1.93 45.19
C PHE B 200 -0.08 0.55 44.58
N GLU B 201 -0.46 -0.48 45.34
CA GLU B 201 -0.31 -1.85 44.90
C GLU B 201 -1.53 -2.66 45.29
N GLY B 202 -1.84 -3.68 44.50
CA GLY B 202 -3.00 -4.51 44.79
C GLY B 202 -3.24 -5.59 43.75
N ILE B 203 -4.37 -6.26 43.85
CA ILE B 203 -4.72 -7.30 42.91
C ILE B 203 -5.60 -6.76 41.79
N ALA B 204 -5.18 -6.99 40.55
CA ALA B 204 -5.94 -6.55 39.39
C ALA B 204 -7.10 -7.54 39.28
N GLU B 205 -8.29 -7.09 39.68
CA GLU B 205 -9.47 -7.95 39.67
C GLU B 205 -10.20 -8.10 38.35
N ASP B 206 -10.44 -6.97 37.68
CA ASP B 206 -11.19 -7.00 36.43
C ASP B 206 -11.24 -5.59 35.86
N ILE B 207 -11.94 -5.40 34.74
CA ILE B 207 -12.10 -4.08 34.16
C ILE B 207 -13.59 -3.81 34.27
N ASP B 208 -13.97 -2.58 34.59
CA ASP B 208 -15.39 -2.28 34.70
C ASP B 208 -16.04 -1.91 33.38
N ASP B 209 -17.29 -1.48 33.45
CA ASP B 209 -18.06 -1.11 32.26
C ASP B 209 -17.48 0.04 31.44
N PHE B 210 -16.56 0.81 32.03
CA PHE B 210 -15.94 1.92 31.33
C PHE B 210 -14.52 1.57 30.86
N GLY B 211 -14.07 0.36 31.20
CA GLY B 211 -12.74 -0.06 30.81
C GLY B 211 -11.71 0.20 31.89
N ARG B 212 -12.16 0.65 33.05
CA ARG B 212 -11.23 0.92 34.15
C ARG B 212 -10.74 -0.35 34.85
N LEU B 213 -9.45 -0.41 35.13
CA LEU B 213 -8.88 -1.56 35.82
C LEU B 213 -9.30 -1.48 37.29
N ILE B 214 -9.90 -2.55 37.79
CA ILE B 214 -10.35 -2.58 39.18
C ILE B 214 -9.29 -3.25 40.05
N ILE B 215 -8.75 -2.50 41.00
CA ILE B 215 -7.73 -3.01 41.90
C ILE B 215 -8.16 -3.09 43.36
N ARG B 216 -7.89 -4.22 43.98
CA ARG B 216 -8.21 -4.42 45.39
C ARG B 216 -6.90 -4.31 46.18
N LEU B 217 -6.77 -3.26 46.99
CA LEU B 217 -5.56 -3.11 47.79
C LEU B 217 -5.67 -4.07 48.96
N ASP B 218 -4.54 -4.37 49.60
CA ASP B 218 -4.50 -5.29 50.74
C ASP B 218 -5.43 -4.94 51.87
N SER B 219 -5.84 -3.68 51.96
CA SER B 219 -6.73 -3.22 53.02
C SER B 219 -8.19 -3.52 52.67
N GLY B 220 -8.42 -3.96 51.44
CA GLY B 220 -9.78 -4.24 51.01
C GLY B 220 -10.34 -3.06 50.26
N GLU B 221 -9.58 -1.96 50.22
CA GLU B 221 -10.00 -0.76 49.49
C GLU B 221 -10.00 -1.05 48.00
N VAL B 222 -11.00 -0.53 47.29
CA VAL B 222 -11.08 -0.73 45.85
C VAL B 222 -10.89 0.56 45.09
N LYS B 223 -9.88 0.57 44.22
CA LYS B 223 -9.59 1.73 43.39
C LYS B 223 -9.88 1.39 41.93
N LYS B 224 -10.31 2.39 41.17
CA LYS B 224 -10.63 2.20 39.76
C LYS B 224 -9.64 3.08 39.00
N VAL B 225 -8.76 2.45 38.23
CA VAL B 225 -7.76 3.21 37.49
C VAL B 225 -8.13 3.46 36.04
N ILE B 226 -8.09 4.73 35.66
CA ILE B 226 -8.38 5.14 34.30
C ILE B 226 -7.02 5.19 33.60
N TYR B 227 -6.97 4.78 32.34
CA TYR B 227 -5.69 4.82 31.66
C TYR B 227 -5.40 6.17 31.03
N GLY B 228 -4.21 6.67 31.31
CA GLY B 228 -3.77 7.95 30.80
C GLY B 228 -2.29 8.01 31.09
N ASP B 229 -1.87 8.91 31.98
CA ASP B 229 -0.47 8.99 32.36
C ASP B 229 -0.32 7.89 33.40
N VAL B 230 -0.99 6.77 33.13
CA VAL B 230 -1.01 5.61 34.02
C VAL B 230 -0.16 4.47 33.47
N SER B 231 0.50 3.75 34.37
CA SER B 231 1.35 2.63 33.96
C SER B 231 1.19 1.43 34.90
N LEU B 232 0.99 0.26 34.31
CA LEU B 232 0.82 -0.96 35.08
C LEU B 232 2.02 -1.89 34.97
N ARG B 233 2.56 -2.30 36.12
CA ARG B 233 3.70 -3.19 36.17
C ARG B 233 3.39 -4.38 37.07
N PHE B 234 3.85 -5.56 36.67
CA PHE B 234 3.64 -6.77 37.47
C PHE B 234 4.73 -6.92 38.50
N LEU B 235 4.38 -7.50 39.64
CA LEU B 235 5.34 -7.72 40.71
C LEU B 235 4.96 -8.93 41.56
MG MG C . -2.24 2.92 -27.79
P1 POP D . -3.21 3.91 -30.62
O1 POP D . -2.57 4.58 -29.43
O2 POP D . -4.30 4.70 -31.04
O3 POP D . -2.12 3.73 -31.78
O POP D . -3.50 2.39 -30.41
P2 POP D . -4.42 1.51 -29.88
O4 POP D . -5.83 2.00 -30.15
O5 POP D . -4.20 1.33 -28.31
O6 POP D . -4.21 0.19 -30.53
CBB BT5 E . -4.06 3.22 -23.26
OBB BT5 E . -4.66 4.08 -23.98
OCB BT5 E . -3.73 2.08 -23.72
CAB BT5 E . -3.76 3.66 -21.83
C9B BT5 E . -4.25 3.08 -20.81
C8B BT5 E . -3.72 3.56 -19.50
C7B BT5 E . -4.36 2.80 -18.37
C2B BT5 E . -3.90 3.21 -16.99
S1B BT5 E . -4.69 2.27 -15.71
C6B BT5 E . -3.79 3.26 -14.50
C5B BT5 E . -4.05 4.69 -15.04
N1B BT5 E . -5.35 5.24 -14.62
C3B BT5 E . -6.10 5.54 -15.72
O3B BT5 E . -7.25 6.02 -15.70
N2B BT5 E . -5.43 5.24 -16.87
C4B BT5 E . -4.12 4.70 -16.59
P BT5 E . -5.14 3.94 -25.60
OP1 BT5 E . -3.99 3.67 -26.49
OP2 BT5 E . -5.69 5.18 -25.89
O5' BT5 E . -5.99 2.79 -25.71
C5' BT5 E . -7.26 2.56 -25.06
C4' BT5 E . -7.88 1.51 -25.81
O4' BT5 E . -7.55 0.20 -25.39
C3' BT5 E . -9.36 1.63 -25.68
O3' BT5 E . -9.91 2.59 -26.58
C2' BT5 E . -9.83 0.19 -25.88
O2' BT5 E . -10.18 -0.11 -27.22
C1' BT5 E . -8.70 -0.66 -25.40
N9 BT5 E . -8.79 -1.19 -23.95
C8 BT5 E . -9.54 -0.69 -22.90
N7 BT5 E . -9.34 -1.42 -21.78
C5 BT5 E . -8.47 -2.42 -22.12
C6 BT5 E . -7.92 -3.46 -21.35
N6 BT5 E . -8.23 -3.59 -20.06
N1 BT5 E . -7.02 -4.35 -22.00
C2 BT5 E . -6.67 -4.22 -23.35
N3 BT5 E . -7.22 -3.17 -24.10
C4 BT5 E . -8.12 -2.29 -23.48
CBB BT5 F . 2.96 1.28 23.58
OBB BT5 F . 3.30 2.19 24.42
OCB BT5 F . 3.02 0.06 23.90
CAB BT5 F . 2.49 1.77 22.22
C9B BT5 F . 3.14 1.60 21.13
C8B BT5 F . 2.38 1.99 19.89
C7B BT5 F . 3.24 1.75 18.67
C2B BT5 F . 2.63 2.10 17.34
S1B BT5 F . 3.73 1.76 15.97
C6B BT5 F . 2.46 2.40 14.87
C5B BT5 F . 2.12 3.72 15.57
N1B BT5 F . 3.06 4.80 15.22
C3B BT5 F . 3.65 5.27 16.36
O3B BT5 F . 4.50 6.19 16.39
N2B BT5 F . 3.19 4.60 17.47
C4B BT5 F . 2.20 3.59 17.10
P BT5 F . 3.85 1.97 26.02
OP1 BT5 F . 2.89 1.12 26.81
OP2 BT5 F . 3.88 3.26 26.52
O5' BT5 F . 5.08 1.26 25.97
C5' BT5 F . 6.30 1.70 25.34
C4' BT5 F . 7.29 0.89 25.93
O4' BT5 F . 7.46 -0.37 25.32
C3' BT5 F . 8.61 1.59 25.82
O3' BT5 F . 8.82 2.56 26.86
C2' BT5 F . 9.60 0.44 25.82
O2' BT5 F . 10.12 0.14 27.09
C1' BT5 F . 8.85 -0.73 25.21
N9 BT5 F . 9.11 -0.99 23.70
C8 BT5 F . 9.59 -0.09 22.74
N7 BT5 F . 9.68 -0.70 21.54
C5 BT5 F . 9.27 -1.99 21.70
C6 BT5 F . 9.17 -3.04 20.78
N6 BT5 F . 9.51 -2.87 19.50
N1 BT5 F . 8.70 -4.29 21.27
C2 BT5 F . 8.33 -4.49 22.61
N3 BT5 F . 8.44 -3.42 23.53
C4 BT5 F . 8.91 -2.19 23.06
#